data_1RKM
#
_entry.id   1RKM
#
_cell.length_a   97.840
_cell.length_b   97.840
_cell.length_c   137.210
_cell.angle_alpha   90.00
_cell.angle_beta   90.00
_cell.angle_gamma   120.00
#
_symmetry.space_group_name_H-M   'P 32 2 1'
#
loop_
_entity.id
_entity.type
_entity.pdbx_description
1 polymer 'OLIGO-PEPTIDE BINDING PROTEIN'
2 water water
#
_entity_poly.entity_id   1
_entity_poly.type   'polypeptide(L)'
_entity_poly.pdbx_seq_one_letter_code
;ADVPAGVQLADKQTLVRNNGSEVQSLDPHKIEGVPESNVSRDLFEGLLISDVEGHPSPGVAEKWENKDFKVWTFHLRENA
KWSDGTPVTAHDFVYSWQRLADPNTASPYASYLQYGHIANIDDIIAGKKPATDLGVKALDDHTFEVTLSEPVPYFYKLLV
HPSVSPVPKSAVEKFGDKWTQPANIVTNGAYKLKNWVVNERIVLERNPQYWDNAKTVINQVTYLPISSEVTDVNRYRSGE
IDMTYNNMPIELFQKLKKEIPNEVRVDPYLCTYYYEINNQKAPFNDVRVRTALKLALDRDIIVNKVKNQGDLPAYSYTPP
YTDGAKLVEPEWFKWSQQKRNEEAKKLLAEAGFTADKPLTFDLLYNTSDLHKKLAIAVASIWKKNLGVNVNLENQEWKTF
LDTRHQGTFDVARAGWCADYNEPTSFLNTMLSDSSNNTAHYKSPAFDKLIADTLKVADDTQRSELYAKAEQQLDKDSAIV
PVYYYVNARLVKPWVGGYTGKDPLDNIYVKNLYIIKH
;
_entity_poly.pdbx_strand_id   A
#
# COMPACT_ATOMS: atom_id res chain seq x y z
N ALA A 1 2.95 10.69 -21.21
CA ALA A 1 2.69 9.31 -21.74
C ALA A 1 3.65 9.03 -22.91
N ASP A 2 3.97 7.82 -23.29
CA ASP A 2 4.73 7.66 -24.55
C ASP A 2 3.84 7.06 -25.60
N VAL A 3 3.32 7.80 -26.57
CA VAL A 3 2.35 7.12 -27.48
C VAL A 3 3.07 6.29 -28.52
N PRO A 4 2.77 5.02 -28.63
CA PRO A 4 3.40 4.16 -29.65
C PRO A 4 3.27 4.73 -31.05
N ALA A 5 4.31 4.61 -31.86
CA ALA A 5 4.25 4.89 -33.29
C ALA A 5 3.06 4.18 -33.91
N GLY A 6 2.25 4.80 -34.75
CA GLY A 6 1.16 3.99 -35.27
C GLY A 6 -0.13 4.07 -34.50
N VAL A 7 -0.17 4.45 -33.24
CA VAL A 7 -1.49 4.50 -32.53
C VAL A 7 -2.23 5.74 -32.99
N GLN A 8 -3.52 5.72 -33.29
CA GLN A 8 -4.27 6.92 -33.56
C GLN A 8 -4.99 7.35 -32.24
N LEU A 9 -4.75 8.57 -31.81
CA LEU A 9 -5.41 9.21 -30.70
C LEU A 9 -6.85 9.62 -30.90
N ALA A 10 -7.77 9.26 -29.98
CA ALA A 10 -9.10 9.87 -30.07
C ALA A 10 -8.94 11.39 -29.97
N ASP A 11 -9.93 12.12 -30.48
CA ASP A 11 -9.96 13.57 -30.38
C ASP A 11 -10.39 14.01 -28.98
N LYS A 12 -11.24 13.24 -28.29
CA LYS A 12 -11.51 13.64 -26.91
C LYS A 12 -10.58 12.84 -26.00
N GLN A 13 -9.59 13.47 -25.39
CA GLN A 13 -8.69 12.82 -24.48
C GLN A 13 -9.23 12.97 -23.06
N THR A 14 -10.26 12.26 -22.66
CA THR A 14 -10.82 12.43 -21.32
C THR A 14 -10.91 11.04 -20.73
N LEU A 15 -10.91 10.97 -19.40
CA LEU A 15 -10.87 9.67 -18.77
C LEU A 15 -11.75 9.76 -17.53
N VAL A 16 -12.38 8.63 -17.28
CA VAL A 16 -13.24 8.46 -16.12
C VAL A 16 -12.79 7.21 -15.34
N ARG A 17 -12.54 7.46 -14.06
CA ARG A 17 -12.07 6.42 -13.18
C ARG A 17 -12.92 6.31 -11.92
N ASN A 18 -13.05 5.03 -11.59
CA ASN A 18 -13.71 4.74 -10.31
C ASN A 18 -12.62 4.72 -9.22
N ASN A 19 -12.94 5.49 -8.20
CA ASN A 19 -11.99 5.63 -7.08
C ASN A 19 -12.48 4.97 -5.82
N GLY A 20 -13.49 4.08 -5.91
CA GLY A 20 -14.02 3.32 -4.83
C GLY A 20 -14.56 4.00 -3.59
N SER A 21 -14.57 5.31 -3.42
CA SER A 21 -14.92 5.96 -2.17
C SER A 21 -14.61 7.44 -2.18
N GLU A 22 -15.40 8.27 -1.49
CA GLU A 22 -15.14 9.69 -1.47
C GLU A 22 -13.72 10.00 -0.95
N VAL A 23 -13.18 11.13 -1.35
CA VAL A 23 -11.88 11.43 -0.80
C VAL A 23 -12.14 12.47 0.28
N GLN A 24 -11.50 12.23 1.43
CA GLN A 24 -11.74 13.18 2.53
C GLN A 24 -10.93 14.45 2.34
N SER A 25 -9.71 14.32 1.86
CA SER A 25 -8.80 15.45 1.79
C SER A 25 -7.90 15.38 0.55
N LEU A 26 -7.50 16.54 0.06
CA LEU A 26 -6.52 16.67 -1.00
C LEU A 26 -5.17 17.13 -0.48
N ASP A 27 -5.03 17.39 0.79
CA ASP A 27 -3.83 17.87 1.46
C ASP A 27 -2.95 16.65 1.67
N PRO A 28 -1.81 16.56 1.01
CA PRO A 28 -0.88 15.45 1.18
C PRO A 28 -0.64 15.07 2.64
N HIS A 29 -0.64 16.05 3.56
CA HIS A 29 -0.31 15.79 4.92
C HIS A 29 -1.49 15.23 5.70
N LYS A 30 -2.65 15.19 5.03
CA LYS A 30 -3.83 14.69 5.70
C LYS A 30 -4.47 13.47 5.08
N ILE A 31 -4.03 12.98 3.96
CA ILE A 31 -4.62 11.80 3.35
C ILE A 31 -4.16 10.56 4.11
N GLU A 32 -4.99 9.54 3.96
CA GLU A 32 -4.74 8.26 4.60
C GLU A 32 -4.93 7.08 3.68
N GLY A 33 -5.92 6.90 2.84
CA GLY A 33 -5.87 5.59 2.10
C GLY A 33 -5.65 5.61 0.62
N VAL A 34 -6.11 4.55 -0.08
CA VAL A 34 -5.83 4.40 -1.51
C VAL A 34 -6.56 5.36 -2.42
N PRO A 35 -7.82 5.64 -2.14
CA PRO A 35 -8.56 6.59 -2.92
C PRO A 35 -7.89 7.95 -2.91
N GLU A 36 -7.39 8.36 -1.74
CA GLU A 36 -6.87 9.73 -1.67
C GLU A 36 -5.50 9.78 -2.34
N SER A 37 -4.70 8.72 -2.14
CA SER A 37 -3.47 8.64 -2.85
C SER A 37 -3.62 8.60 -4.38
N ASN A 38 -4.70 8.04 -4.91
CA ASN A 38 -4.83 7.96 -6.31
C ASN A 38 -4.90 9.39 -6.89
N VAL A 39 -5.73 10.22 -6.28
CA VAL A 39 -5.92 11.60 -6.71
C VAL A 39 -4.64 12.41 -6.38
N SER A 40 -4.05 12.14 -5.23
CA SER A 40 -2.89 12.86 -4.86
C SER A 40 -1.76 12.72 -5.87
N ARG A 41 -1.49 11.56 -6.47
CA ARG A 41 -0.45 11.32 -7.44
C ARG A 41 -0.73 12.08 -8.75
N ASP A 42 -1.94 12.45 -9.11
CA ASP A 42 -2.08 13.28 -10.28
C ASP A 42 -1.87 14.75 -9.90
N LEU A 43 -2.11 15.11 -8.63
CA LEU A 43 -2.04 16.54 -8.34
C LEU A 43 -0.67 17.01 -7.90
N PHE A 44 0.09 16.28 -7.09
CA PHE A 44 1.34 16.63 -6.53
C PHE A 44 2.41 15.62 -6.96
N GLU A 45 3.65 16.06 -6.94
CA GLU A 45 4.73 15.18 -7.38
C GLU A 45 5.87 15.43 -6.43
N GLY A 46 6.44 14.38 -5.85
CA GLY A 46 7.55 14.70 -4.94
C GLY A 46 8.90 14.48 -5.60
N LEU A 47 9.90 14.17 -4.78
CA LEU A 47 11.25 14.00 -5.33
C LEU A 47 11.35 12.94 -6.39
N LEU A 48 10.70 11.78 -6.24
CA LEU A 48 10.80 10.66 -7.11
C LEU A 48 9.39 10.13 -7.35
N ILE A 49 9.20 9.48 -8.51
CA ILE A 49 7.97 8.83 -8.85
C ILE A 49 8.18 7.37 -9.21
N SER A 50 7.13 6.58 -9.27
CA SER A 50 7.28 5.16 -9.59
C SER A 50 7.29 5.01 -11.12
N ASP A 51 8.24 4.27 -11.71
CA ASP A 51 8.14 4.02 -13.14
C ASP A 51 7.10 2.95 -13.47
N VAL A 52 7.14 2.35 -14.68
CA VAL A 52 6.25 1.31 -15.14
C VAL A 52 6.40 0.00 -14.37
N GLU A 53 7.53 -0.27 -13.78
CA GLU A 53 7.72 -1.48 -13.04
C GLU A 53 7.60 -1.24 -11.52
N GLY A 54 7.23 0.03 -11.20
CA GLY A 54 7.17 0.28 -9.78
C GLY A 54 8.52 0.51 -9.16
N HIS A 55 9.47 1.07 -9.90
CA HIS A 55 10.77 1.43 -9.32
C HIS A 55 10.86 2.98 -9.36
N PRO A 56 11.48 3.47 -8.32
CA PRO A 56 11.68 4.91 -8.20
C PRO A 56 12.39 5.46 -9.43
N SER A 57 11.90 6.54 -10.00
CA SER A 57 12.55 7.31 -11.00
C SER A 57 12.42 8.81 -10.69
N PRO A 58 12.99 9.60 -11.58
CA PRO A 58 13.06 11.04 -11.37
C PRO A 58 11.69 11.69 -11.37
N GLY A 59 11.46 12.56 -10.39
CA GLY A 59 10.19 13.30 -10.39
C GLY A 59 10.65 14.75 -10.31
N VAL A 60 10.48 15.41 -9.18
CA VAL A 60 11.03 16.78 -9.17
C VAL A 60 12.55 16.73 -9.20
N ALA A 61 13.10 15.75 -8.51
CA ALA A 61 14.53 15.57 -8.35
C ALA A 61 15.01 14.96 -9.69
N GLU A 62 16.00 15.59 -10.29
CA GLU A 62 16.43 14.98 -11.57
C GLU A 62 17.58 14.05 -11.23
N LYS A 63 18.33 14.28 -10.15
CA LYS A 63 19.31 13.28 -9.79
C LYS A 63 19.57 13.45 -8.28
N TRP A 64 20.17 12.42 -7.70
CA TRP A 64 20.37 12.47 -6.26
C TRP A 64 21.61 11.63 -5.98
N GLU A 65 22.16 11.76 -4.81
CA GLU A 65 23.28 10.97 -4.38
C GLU A 65 23.22 10.84 -2.86
N ASN A 66 24.15 10.07 -2.32
CA ASN A 66 24.27 9.96 -0.87
C ASN A 66 25.73 9.86 -0.47
N LYS A 67 26.00 10.12 0.80
CA LYS A 67 27.29 9.95 1.35
C LYS A 67 27.06 9.01 2.54
N ASP A 68 27.41 7.75 2.38
CA ASP A 68 27.18 6.75 3.41
C ASP A 68 25.74 6.37 3.65
N PHE A 69 24.81 6.66 2.73
CA PHE A 69 23.41 6.40 2.98
C PHE A 69 22.93 7.26 4.15
N LYS A 70 23.72 8.23 4.62
CA LYS A 70 23.18 8.97 5.75
C LYS A 70 22.92 10.43 5.37
N VAL A 71 23.59 10.98 4.37
CA VAL A 71 23.30 12.32 3.94
C VAL A 71 22.79 12.12 2.52
N TRP A 72 21.63 12.66 2.22
CA TRP A 72 21.14 12.48 0.83
C TRP A 72 20.98 13.81 0.14
N THR A 73 21.31 13.92 -1.12
CA THR A 73 21.31 15.23 -1.76
C THR A 73 20.54 15.11 -3.06
N PHE A 74 19.47 15.88 -3.21
CA PHE A 74 18.60 15.78 -4.38
C PHE A 74 18.78 17.07 -5.19
N HIS A 75 18.96 16.92 -6.48
CA HIS A 75 19.22 18.02 -7.39
C HIS A 75 17.87 18.30 -8.05
N LEU A 76 17.20 19.43 -7.77
CA LEU A 76 15.88 19.56 -8.38
C LEU A 76 15.93 20.17 -9.76
N ARG A 77 15.11 19.67 -10.67
CA ARG A 77 15.20 20.23 -12.01
C ARG A 77 14.71 21.67 -11.87
N GLU A 78 15.16 22.50 -12.76
CA GLU A 78 15.04 23.94 -12.80
C GLU A 78 13.71 24.35 -13.42
N ASN A 79 13.13 23.52 -14.26
CA ASN A 79 11.83 23.91 -14.83
C ASN A 79 10.62 23.36 -14.10
N ALA A 80 10.78 22.86 -12.87
CA ALA A 80 9.59 22.31 -12.16
C ALA A 80 8.82 23.53 -11.61
N LYS A 81 7.57 23.58 -11.82
CA LYS A 81 6.72 24.70 -11.44
C LYS A 81 5.40 24.24 -10.84
N TRP A 82 4.87 25.14 -10.01
CA TRP A 82 3.55 25.06 -9.46
C TRP A 82 2.62 25.56 -10.54
N SER A 83 1.33 25.32 -10.48
CA SER A 83 0.38 25.67 -11.48
C SER A 83 0.16 27.19 -11.40
N ASP A 84 0.70 27.99 -10.44
CA ASP A 84 0.53 29.41 -10.63
C ASP A 84 1.74 29.88 -11.42
N GLY A 85 2.66 28.98 -11.77
CA GLY A 85 3.80 29.32 -12.67
C GLY A 85 4.99 29.58 -11.79
N THR A 86 4.93 29.46 -10.46
CA THR A 86 6.08 29.79 -9.61
C THR A 86 6.94 28.51 -9.50
N PRO A 87 8.22 28.62 -9.21
CA PRO A 87 9.13 27.50 -9.19
C PRO A 87 8.88 26.51 -8.06
N VAL A 88 8.99 25.20 -8.24
CA VAL A 88 9.07 24.35 -7.08
C VAL A 88 10.47 24.47 -6.48
N THR A 89 10.78 24.83 -5.25
CA THR A 89 12.20 24.88 -4.86
C THR A 89 12.41 23.86 -3.76
N ALA A 90 13.63 23.78 -3.26
CA ALA A 90 14.01 22.96 -2.14
C ALA A 90 13.33 23.47 -0.88
N HIS A 91 13.05 24.76 -0.89
CA HIS A 91 12.38 25.48 0.17
C HIS A 91 10.99 24.92 0.33
N ASP A 92 10.37 24.52 -0.76
CA ASP A 92 9.05 23.94 -0.64
C ASP A 92 9.16 22.59 0.09
N PHE A 93 10.30 21.86 -0.12
CA PHE A 93 10.42 20.58 0.50
C PHE A 93 10.82 20.77 1.97
N VAL A 94 11.59 21.83 2.27
CA VAL A 94 11.98 21.98 3.66
C VAL A 94 10.74 22.28 4.54
N TYR A 95 9.90 23.17 4.04
CA TYR A 95 8.64 23.54 4.60
C TYR A 95 7.70 22.34 4.75
N SER A 96 7.42 21.64 3.65
CA SER A 96 6.55 20.52 3.63
C SER A 96 6.97 19.48 4.67
N TRP A 97 8.22 19.08 4.69
CA TRP A 97 8.49 17.90 5.51
C TRP A 97 8.45 18.33 6.97
N GLN A 98 8.66 19.65 7.17
CA GLN A 98 8.56 20.11 8.55
C GLN A 98 7.09 20.11 8.95
N ARG A 99 6.22 20.54 8.01
CA ARG A 99 4.83 20.48 8.32
C ARG A 99 4.35 19.02 8.43
N LEU A 100 4.97 18.03 7.73
CA LEU A 100 4.48 16.71 7.95
C LEU A 100 4.85 16.23 9.36
N ALA A 101 6.03 16.61 9.84
CA ALA A 101 6.54 16.16 11.10
C ALA A 101 5.85 16.81 12.30
N ASP A 102 5.55 18.10 12.26
CA ASP A 102 4.90 18.76 13.37
C ASP A 102 3.65 18.03 13.93
N PRO A 103 3.68 17.74 15.22
CA PRO A 103 2.57 17.08 15.92
C PRO A 103 1.28 17.83 15.76
N ASN A 104 1.30 19.16 15.75
CA ASN A 104 0.13 19.96 15.44
C ASN A 104 -0.41 19.80 14.05
N THR A 105 0.29 19.16 13.09
CA THR A 105 -0.41 18.95 11.80
C THR A 105 -1.15 17.67 12.03
N ALA A 106 -0.72 16.78 12.95
CA ALA A 106 -1.47 15.52 13.13
C ALA A 106 -1.65 14.69 11.87
N SER A 107 -0.56 14.56 11.13
CA SER A 107 -0.68 13.84 9.85
C SER A 107 -0.80 12.39 10.18
N PRO A 108 -1.73 11.69 9.54
CA PRO A 108 -1.70 10.23 9.61
C PRO A 108 -0.33 9.68 9.20
N TYR A 109 0.47 10.30 8.32
CA TYR A 109 1.74 9.75 7.90
C TYR A 109 2.96 10.41 8.48
N ALA A 110 2.82 11.07 9.63
CA ALA A 110 3.99 11.67 10.27
C ALA A 110 5.12 10.67 10.58
N SER A 111 4.70 9.42 10.83
CA SER A 111 5.51 8.28 11.16
C SER A 111 6.31 7.78 9.97
N TYR A 112 5.83 8.18 8.79
CA TYR A 112 6.54 7.76 7.57
C TYR A 112 7.90 8.40 7.65
N LEU A 113 8.15 9.55 8.29
CA LEU A 113 9.53 10.00 8.27
C LEU A 113 10.45 9.26 9.20
N GLN A 114 9.85 8.69 10.24
CA GLN A 114 10.52 7.85 11.20
C GLN A 114 11.02 6.56 10.56
N TYR A 115 10.37 6.07 9.51
CA TYR A 115 10.86 4.99 8.71
C TYR A 115 12.10 5.40 7.98
N GLY A 116 12.23 6.71 7.73
CA GLY A 116 13.39 7.18 6.99
C GLY A 116 14.54 7.52 7.87
N HIS A 117 14.30 7.72 9.17
CA HIS A 117 15.32 8.09 10.12
C HIS A 117 15.94 9.48 9.92
N ILE A 118 15.13 10.43 9.46
CA ILE A 118 15.52 11.82 9.41
C ILE A 118 15.95 12.28 10.77
N ALA A 119 17.12 12.94 10.83
CA ALA A 119 17.61 13.45 12.13
C ALA A 119 16.58 14.33 12.82
N ASN A 120 16.35 14.02 14.08
CA ASN A 120 15.51 14.62 15.08
C ASN A 120 14.05 14.31 14.93
N ILE A 121 13.73 13.47 13.94
CA ILE A 121 12.28 13.22 13.85
C ILE A 121 11.70 12.74 15.15
N ASP A 122 12.20 11.70 15.85
CA ASP A 122 11.62 11.21 17.11
C ASP A 122 11.44 12.32 18.12
N ASP A 123 12.42 13.20 18.29
CA ASP A 123 12.25 14.31 19.21
C ASP A 123 11.18 15.28 18.75
N ILE A 124 11.04 15.45 17.42
CA ILE A 124 9.99 16.29 16.89
C ILE A 124 8.63 15.70 17.14
N ILE A 125 8.43 14.45 16.80
CA ILE A 125 7.12 13.84 17.00
C ILE A 125 6.77 13.81 18.49
N ALA A 126 7.70 13.76 19.45
CA ALA A 126 7.28 13.75 20.86
C ALA A 126 7.06 15.16 21.45
N GLY A 127 7.22 16.18 20.60
CA GLY A 127 7.12 17.56 20.96
C GLY A 127 8.35 18.08 21.66
N LYS A 128 9.52 17.44 21.59
CA LYS A 128 10.63 17.92 22.45
C LYS A 128 11.55 18.87 21.71
N LYS A 129 11.38 18.98 20.40
CA LYS A 129 12.15 19.89 19.59
C LYS A 129 11.18 20.52 18.60
N PRO A 130 11.40 21.71 18.15
CA PRO A 130 10.51 22.36 17.19
C PRO A 130 10.82 21.67 15.86
N ALA A 131 9.78 21.75 15.02
CA ALA A 131 9.83 21.11 13.72
C ALA A 131 10.96 21.63 12.88
N THR A 132 11.42 22.84 13.13
CA THR A 132 12.50 23.38 12.32
C THR A 132 13.80 22.74 12.67
N ASP A 133 13.90 21.76 13.56
CA ASP A 133 15.13 21.02 13.80
C ASP A 133 15.19 19.75 12.96
N LEU A 134 14.23 19.48 12.09
CA LEU A 134 14.31 18.25 11.29
C LEU A 134 15.62 18.34 10.50
N GLY A 135 16.30 17.24 10.25
CA GLY A 135 17.48 17.35 9.38
C GLY A 135 17.16 17.37 7.87
N VAL A 136 16.44 18.39 7.40
CA VAL A 136 16.35 18.70 6.00
C VAL A 136 16.90 20.11 5.79
N LYS A 137 17.38 20.41 4.57
CA LYS A 137 17.88 21.75 4.35
C LYS A 137 18.06 22.09 2.88
N ALA A 138 17.88 23.39 2.62
CA ALA A 138 17.90 23.77 1.18
C ALA A 138 19.29 24.32 1.00
N LEU A 139 20.18 23.71 0.24
CA LEU A 139 21.52 24.22 0.02
C LEU A 139 21.44 25.46 -0.84
N ASP A 140 20.50 25.51 -1.73
CA ASP A 140 20.10 26.63 -2.56
C ASP A 140 18.67 26.30 -3.01
N ASP A 141 18.14 26.99 -3.98
CA ASP A 141 16.80 26.76 -4.47
C ASP A 141 16.56 25.39 -5.08
N HIS A 142 17.61 24.78 -5.61
CA HIS A 142 17.49 23.59 -6.41
C HIS A 142 18.22 22.40 -5.82
N THR A 143 18.60 22.49 -4.53
CA THR A 143 19.37 21.42 -3.97
C THR A 143 18.82 21.13 -2.59
N PHE A 144 18.24 19.95 -2.39
CA PHE A 144 17.67 19.62 -1.10
C PHE A 144 18.48 18.54 -0.46
N GLU A 145 18.77 18.64 0.82
CA GLU A 145 19.65 17.73 1.51
C GLU A 145 18.99 17.23 2.81
N VAL A 146 19.06 15.93 2.95
CA VAL A 146 18.37 15.20 4.01
C VAL A 146 19.47 14.54 4.83
N THR A 147 19.43 14.78 6.10
CA THR A 147 20.46 14.10 6.91
C THR A 147 19.80 13.04 7.76
N LEU A 148 20.29 11.78 7.74
CA LEU A 148 19.63 10.78 8.56
C LEU A 148 20.38 10.48 9.84
N SER A 149 19.74 9.79 10.78
CA SER A 149 20.51 9.51 11.99
C SER A 149 21.14 8.13 11.87
N GLU A 150 20.81 7.33 10.89
CA GLU A 150 21.37 6.01 10.71
C GLU A 150 21.43 5.88 9.18
N PRO A 151 22.30 5.05 8.68
CA PRO A 151 22.35 4.79 7.26
C PRO A 151 21.04 4.10 6.95
N VAL A 152 20.37 4.51 5.89
CA VAL A 152 19.17 3.93 5.38
C VAL A 152 19.44 3.86 3.87
N PRO A 153 19.96 2.71 3.42
CA PRO A 153 20.37 2.52 2.06
C PRO A 153 19.29 2.60 1.00
N TYR A 154 18.05 2.36 1.37
CA TYR A 154 16.90 2.34 0.53
C TYR A 154 15.99 3.56 0.78
N PHE A 155 16.54 4.60 1.43
CA PHE A 155 15.74 5.79 1.72
C PHE A 155 15.12 6.44 0.51
N TYR A 156 15.73 6.36 -0.67
CA TYR A 156 15.13 6.94 -1.85
C TYR A 156 13.87 6.20 -2.27
N LYS A 157 13.79 4.91 -1.95
CA LYS A 157 12.63 4.06 -2.27
C LYS A 157 11.39 4.61 -1.57
N LEU A 158 11.49 5.25 -0.39
CA LEU A 158 10.32 5.84 0.25
C LEU A 158 9.74 7.07 -0.45
N LEU A 159 10.40 7.75 -1.41
CA LEU A 159 10.06 9.12 -1.73
C LEU A 159 9.00 9.27 -2.80
N VAL A 160 8.46 8.15 -3.26
CA VAL A 160 7.38 8.09 -4.17
C VAL A 160 6.02 8.28 -3.51
N HIS A 161 5.91 8.09 -2.24
CA HIS A 161 4.64 8.14 -1.49
C HIS A 161 4.15 9.60 -1.45
N PRO A 162 2.83 9.74 -1.45
CA PRO A 162 2.18 11.02 -1.58
C PRO A 162 2.37 11.89 -0.38
N SER A 163 2.66 11.33 0.79
CA SER A 163 2.84 12.14 1.99
C SER A 163 4.07 13.04 1.96
N VAL A 164 5.06 12.61 1.15
CA VAL A 164 6.30 13.34 1.12
C VAL A 164 6.42 14.27 -0.09
N SER A 165 5.31 14.53 -0.74
CA SER A 165 5.17 15.47 -1.83
C SER A 165 5.16 16.88 -1.24
N PRO A 166 5.44 17.92 -1.98
CA PRO A 166 5.56 19.26 -1.38
C PRO A 166 4.17 19.86 -1.33
N VAL A 167 3.95 20.79 -0.49
CA VAL A 167 2.75 21.59 -0.38
C VAL A 167 3.26 23.03 -0.64
N PRO A 168 2.50 23.85 -1.37
CA PRO A 168 2.81 25.23 -1.61
C PRO A 168 2.79 26.16 -0.39
N LYS A 169 3.88 26.51 0.21
CA LYS A 169 3.87 27.33 1.46
C LYS A 169 2.93 28.51 1.54
N SER A 170 3.02 29.40 0.54
CA SER A 170 2.22 30.55 0.20
C SER A 170 0.74 30.26 0.36
N ALA A 171 0.31 29.18 -0.28
CA ALA A 171 -1.12 28.91 -0.13
C ALA A 171 -1.34 28.31 1.25
N VAL A 172 -0.37 27.61 1.85
CA VAL A 172 -0.66 27.01 3.17
C VAL A 172 -0.74 28.11 4.26
N GLU A 173 0.32 28.91 4.39
CA GLU A 173 0.23 30.00 5.35
C GLU A 173 -1.07 30.82 5.21
N LYS A 174 -1.25 31.40 4.01
CA LYS A 174 -2.38 32.28 3.76
C LYS A 174 -3.74 31.65 3.83
N PHE A 175 -4.04 30.46 3.36
CA PHE A 175 -5.46 30.05 3.48
C PHE A 175 -5.68 29.07 4.62
N GLY A 176 -4.58 28.74 5.31
CA GLY A 176 -4.62 27.71 6.31
C GLY A 176 -5.19 26.44 5.72
N ASP A 177 -6.28 25.86 6.20
CA ASP A 177 -6.87 24.64 5.66
C ASP A 177 -7.88 24.89 4.55
N LYS A 178 -7.82 26.15 4.04
CA LYS A 178 -8.80 26.35 2.93
C LYS A 178 -7.98 26.32 1.65
N TRP A 179 -6.71 25.95 1.79
CA TRP A 179 -5.76 25.97 0.70
C TRP A 179 -6.11 25.01 -0.41
N THR A 180 -6.81 23.96 -0.15
CA THR A 180 -7.14 22.87 -0.99
C THR A 180 -8.49 23.11 -1.64
N GLN A 181 -9.10 24.26 -1.35
CA GLN A 181 -10.32 24.63 -2.11
C GLN A 181 -9.93 25.01 -3.54
N PRO A 182 -10.71 24.64 -4.52
CA PRO A 182 -10.55 24.92 -5.91
C PRO A 182 -10.15 26.35 -6.29
N ALA A 183 -10.28 27.31 -5.39
CA ALA A 183 -9.85 28.67 -5.68
C ALA A 183 -8.50 28.94 -5.10
N ASN A 184 -8.12 28.15 -4.09
CA ASN A 184 -6.83 28.55 -3.52
C ASN A 184 -5.75 27.62 -3.99
N ILE A 185 -6.12 26.41 -4.37
CA ILE A 185 -5.12 25.36 -4.46
C ILE A 185 -4.12 25.64 -5.59
N VAL A 186 -2.94 25.16 -5.43
CA VAL A 186 -1.87 25.30 -6.41
C VAL A 186 -1.16 23.97 -6.32
N THR A 187 -0.94 23.36 -7.47
CA THR A 187 -0.33 22.02 -7.48
C THR A 187 0.89 21.90 -8.40
N ASN A 188 1.61 20.77 -8.38
CA ASN A 188 2.84 20.78 -9.19
C ASN A 188 2.93 19.47 -9.97
N GLY A 189 1.86 18.68 -9.90
CA GLY A 189 1.83 17.45 -10.62
C GLY A 189 1.30 17.68 -12.04
N ALA A 190 1.00 16.56 -12.74
CA ALA A 190 0.61 16.77 -14.12
C ALA A 190 -0.72 17.47 -14.19
N TYR A 191 -1.62 17.33 -13.18
CA TYR A 191 -2.98 17.76 -13.34
C TYR A 191 -3.20 18.85 -12.31
N LYS A 192 -4.32 19.55 -12.44
CA LYS A 192 -4.75 20.52 -11.45
C LYS A 192 -6.23 20.37 -11.22
N LEU A 193 -6.77 20.88 -10.12
CA LEU A 193 -8.15 20.72 -9.72
C LEU A 193 -9.13 21.56 -10.51
N LYS A 194 -10.07 21.02 -11.19
CA LYS A 194 -11.04 21.83 -11.94
C LYS A 194 -12.34 21.90 -11.10
N ASN A 195 -12.62 20.85 -10.34
CA ASN A 195 -13.87 20.66 -9.68
C ASN A 195 -13.87 19.54 -8.68
N TRP A 196 -14.49 19.80 -7.54
CA TRP A 196 -14.67 18.94 -6.46
C TRP A 196 -16.07 19.00 -5.88
N VAL A 197 -16.98 18.19 -6.36
CA VAL A 197 -18.32 18.03 -5.77
C VAL A 197 -18.37 16.74 -4.92
N VAL A 198 -18.23 16.91 -3.65
CA VAL A 198 -18.13 15.98 -2.56
C VAL A 198 -19.20 14.86 -2.63
N ASN A 199 -18.68 13.63 -2.66
CA ASN A 199 -19.45 12.42 -2.82
C ASN A 199 -20.01 12.28 -4.23
N GLU A 200 -19.56 13.07 -5.17
CA GLU A 200 -20.12 12.93 -6.51
C GLU A 200 -18.98 12.75 -7.51
N ARG A 201 -17.95 13.60 -7.49
CA ARG A 201 -16.86 13.52 -8.44
C ARG A 201 -15.80 14.56 -8.17
N ILE A 202 -14.61 14.24 -8.70
CA ILE A 202 -13.44 15.13 -8.56
C ILE A 202 -12.93 15.12 -10.02
N VAL A 203 -12.75 16.33 -10.54
CA VAL A 203 -12.45 16.52 -11.95
C VAL A 203 -11.10 17.24 -12.02
N LEU A 204 -10.12 16.64 -12.70
CA LEU A 204 -8.81 17.32 -12.80
C LEU A 204 -8.60 17.64 -14.27
N GLU A 205 -7.87 18.68 -14.57
CA GLU A 205 -7.54 19.06 -15.93
C GLU A 205 -6.02 19.31 -15.92
N ARG A 206 -5.46 19.11 -17.09
CA ARG A 206 -4.07 19.29 -17.27
C ARG A 206 -3.51 20.56 -16.66
N ASN A 207 -2.31 20.43 -16.10
CA ASN A 207 -1.54 21.51 -15.57
C ASN A 207 -0.47 21.91 -16.55
N PRO A 208 -0.64 23.03 -17.25
CA PRO A 208 0.28 23.38 -18.35
C PRO A 208 1.61 23.80 -17.82
N GLN A 209 1.74 24.13 -16.51
CA GLN A 209 3.02 24.46 -15.98
C GLN A 209 3.80 23.22 -15.59
N TYR A 210 3.21 22.03 -15.67
CA TYR A 210 3.97 20.85 -15.17
C TYR A 210 5.27 20.79 -15.96
N TRP A 211 6.43 20.45 -15.42
CA TRP A 211 7.61 20.37 -16.24
C TRP A 211 7.52 19.38 -17.40
N ASP A 212 6.80 18.28 -17.30
CA ASP A 212 6.72 17.29 -18.36
C ASP A 212 5.45 17.34 -19.12
N ASN A 213 4.87 18.56 -19.14
CA ASN A 213 3.54 18.71 -19.77
C ASN A 213 3.50 18.33 -21.22
N ALA A 214 4.54 18.44 -22.00
CA ALA A 214 4.57 18.13 -23.44
C ALA A 214 4.23 16.65 -23.62
N LYS A 215 4.51 15.82 -22.63
CA LYS A 215 4.07 14.41 -22.76
C LYS A 215 2.74 14.08 -22.22
N THR A 216 2.10 15.01 -21.46
CA THR A 216 0.79 14.64 -20.90
C THR A 216 -0.11 14.60 -22.12
N VAL A 217 -1.03 13.71 -22.22
CA VAL A 217 -1.97 13.55 -23.27
C VAL A 217 -3.39 13.67 -22.74
N ILE A 218 -3.80 12.99 -21.67
CA ILE A 218 -5.20 13.17 -21.25
C ILE A 218 -5.49 14.58 -20.80
N ASN A 219 -6.52 15.26 -21.24
CA ASN A 219 -6.70 16.64 -20.77
C ASN A 219 -7.52 16.66 -19.49
N GLN A 220 -8.36 15.68 -19.28
CA GLN A 220 -9.22 15.73 -18.10
C GLN A 220 -9.54 14.35 -17.57
N VAL A 221 -9.45 14.23 -16.27
CA VAL A 221 -9.79 12.95 -15.64
C VAL A 221 -10.71 13.23 -14.47
N THR A 222 -11.70 12.37 -14.41
CA THR A 222 -12.71 12.32 -13.42
C THR A 222 -12.61 11.08 -12.56
N TYR A 223 -12.54 11.35 -11.29
CA TYR A 223 -12.49 10.23 -10.33
C TYR A 223 -13.90 10.23 -9.69
N LEU A 224 -14.56 9.10 -9.80
CA LEU A 224 -15.82 8.95 -9.11
C LEU A 224 -15.61 8.18 -7.81
N PRO A 225 -16.61 8.30 -6.94
CA PRO A 225 -16.60 7.66 -5.64
C PRO A 225 -17.53 6.46 -5.45
N ILE A 226 -17.66 5.55 -6.40
CA ILE A 226 -18.59 4.46 -6.32
C ILE A 226 -18.03 3.36 -5.41
N SER A 227 -18.73 3.18 -4.27
CA SER A 227 -18.19 2.17 -3.34
C SER A 227 -18.73 0.78 -3.61
N SER A 228 -19.71 0.65 -4.49
CA SER A 228 -20.26 -0.67 -4.81
C SER A 228 -19.65 -1.25 -6.07
N GLU A 229 -18.92 -2.33 -5.87
CA GLU A 229 -18.29 -3.14 -6.91
C GLU A 229 -19.24 -3.49 -8.04
N VAL A 230 -20.48 -3.81 -7.68
CA VAL A 230 -21.44 -4.15 -8.71
C VAL A 230 -21.74 -2.95 -9.57
N THR A 231 -21.95 -1.81 -8.93
CA THR A 231 -22.36 -0.62 -9.69
C THR A 231 -21.23 -0.10 -10.57
N ASP A 232 -20.02 -0.32 -10.06
CA ASP A 232 -18.80 0.01 -10.74
C ASP A 232 -18.83 -0.75 -12.07
N VAL A 233 -18.97 -2.05 -11.97
CA VAL A 233 -18.98 -2.91 -13.17
C VAL A 233 -20.11 -2.54 -14.12
N ASN A 234 -21.29 -2.28 -13.57
CA ASN A 234 -22.41 -1.88 -14.39
C ASN A 234 -22.16 -0.57 -15.09
N ARG A 235 -21.67 0.45 -14.39
CA ARG A 235 -21.49 1.75 -15.02
C ARG A 235 -20.38 1.68 -16.06
N TYR A 236 -19.40 0.85 -15.75
CA TYR A 236 -18.35 0.59 -16.70
C TYR A 236 -18.99 -0.05 -17.93
N ARG A 237 -19.88 -1.03 -17.74
CA ARG A 237 -20.43 -1.76 -18.89
C ARG A 237 -21.42 -0.93 -19.67
N SER A 238 -21.99 0.07 -19.05
CA SER A 238 -22.75 1.11 -19.72
C SER A 238 -21.91 2.13 -20.47
N GLY A 239 -20.59 2.13 -20.40
CA GLY A 239 -19.73 3.07 -21.09
C GLY A 239 -19.47 4.37 -20.36
N GLU A 240 -19.87 4.49 -19.10
CA GLU A 240 -19.61 5.77 -18.43
C GLU A 240 -18.25 5.83 -17.74
N ILE A 241 -17.62 4.69 -17.49
CA ILE A 241 -16.39 4.55 -16.73
C ILE A 241 -15.41 3.75 -17.57
N ASP A 242 -14.22 4.28 -17.76
CA ASP A 242 -13.19 3.67 -18.51
C ASP A 242 -12.36 2.65 -17.73
N MET A 243 -12.26 2.87 -16.43
CA MET A 243 -11.33 2.00 -15.66
C MET A 243 -12.00 1.78 -14.30
N THR A 244 -12.44 0.61 -13.93
CA THR A 244 -13.06 0.52 -12.62
C THR A 244 -11.93 0.64 -11.57
N TYR A 245 -12.35 0.66 -10.34
CA TYR A 245 -11.62 0.60 -9.11
C TYR A 245 -11.10 -0.82 -8.94
N ASN A 246 -10.05 -1.10 -8.17
CA ASN A 246 -9.60 -2.50 -8.14
C ASN A 246 -10.25 -3.46 -7.16
N ASN A 247 -11.57 -3.43 -6.92
CA ASN A 247 -12.15 -4.55 -6.17
C ASN A 247 -13.19 -5.16 -7.14
N MET A 248 -13.02 -6.39 -7.50
CA MET A 248 -13.94 -7.04 -8.40
C MET A 248 -14.87 -7.99 -7.62
N PRO A 249 -16.17 -7.87 -7.83
CA PRO A 249 -17.16 -8.73 -7.17
C PRO A 249 -16.90 -10.19 -7.44
N ILE A 250 -16.70 -11.06 -6.43
CA ILE A 250 -16.43 -12.47 -6.79
C ILE A 250 -17.35 -13.10 -7.86
N GLU A 251 -18.67 -13.01 -7.61
CA GLU A 251 -19.63 -13.64 -8.49
C GLU A 251 -19.53 -13.12 -9.90
N LEU A 252 -19.63 -11.79 -9.99
CA LEU A 252 -19.62 -11.10 -11.26
C LEU A 252 -18.42 -11.42 -12.13
N PHE A 253 -17.26 -11.42 -11.50
CA PHE A 253 -15.97 -11.67 -12.08
C PHE A 253 -15.91 -12.78 -13.10
N GLN A 254 -16.43 -13.90 -12.68
CA GLN A 254 -16.49 -15.10 -13.51
C GLN A 254 -17.24 -14.88 -14.80
N LYS A 255 -18.39 -14.20 -14.76
CA LYS A 255 -19.10 -13.77 -15.95
C LYS A 255 -18.22 -12.85 -16.78
N LEU A 256 -17.71 -11.79 -16.14
CA LEU A 256 -16.90 -10.82 -16.85
C LEU A 256 -15.75 -11.43 -17.62
N LYS A 257 -15.13 -12.47 -17.08
CA LYS A 257 -13.95 -12.97 -17.79
C LYS A 257 -14.39 -13.89 -18.88
N LYS A 258 -15.65 -14.31 -18.91
CA LYS A 258 -16.17 -15.11 -20.02
C LYS A 258 -16.55 -14.17 -21.17
N GLU A 259 -17.21 -13.07 -20.81
CA GLU A 259 -17.78 -12.10 -21.71
C GLU A 259 -16.86 -11.02 -22.21
N ILE A 260 -15.95 -10.44 -21.43
CA ILE A 260 -15.09 -9.37 -21.95
C ILE A 260 -13.70 -9.62 -21.41
N PRO A 261 -13.14 -10.69 -21.93
CA PRO A 261 -11.86 -11.18 -21.44
C PRO A 261 -10.69 -10.28 -21.71
N ASN A 262 -10.69 -9.44 -22.74
CA ASN A 262 -9.50 -8.61 -22.91
C ASN A 262 -9.53 -7.42 -21.97
N GLU A 263 -10.68 -7.02 -21.45
CA GLU A 263 -10.73 -5.89 -20.51
C GLU A 263 -10.59 -6.22 -19.02
N VAL A 264 -10.55 -7.50 -18.65
CA VAL A 264 -10.21 -7.96 -17.32
C VAL A 264 -8.70 -7.94 -17.15
N ARG A 265 -8.20 -6.98 -16.36
CA ARG A 265 -6.74 -6.90 -16.16
C ARG A 265 -6.40 -7.27 -14.71
N VAL A 266 -5.57 -8.26 -14.60
CA VAL A 266 -5.20 -8.99 -13.42
C VAL A 266 -3.71 -9.00 -13.32
N ASP A 267 -3.12 -8.38 -12.33
CA ASP A 267 -1.66 -8.34 -12.20
C ASP A 267 -1.34 -8.43 -10.72
N PRO A 268 -0.12 -8.85 -10.42
CA PRO A 268 0.38 -8.99 -9.06
C PRO A 268 0.24 -7.65 -8.34
N TYR A 269 0.02 -7.70 -7.06
CA TYR A 269 -0.16 -6.46 -6.28
C TYR A 269 0.54 -6.57 -4.96
N LEU A 270 1.24 -5.57 -4.42
CA LEU A 270 1.94 -5.65 -3.17
C LEU A 270 1.03 -5.56 -1.97
N CYS A 271 0.12 -6.54 -1.82
CA CYS A 271 -0.68 -6.64 -0.60
C CYS A 271 -0.75 -8.15 -0.29
N THR A 272 -0.77 -8.46 0.97
CA THR A 272 -0.92 -9.83 1.45
C THR A 272 -2.20 -9.96 2.26
N TYR A 273 -2.98 -10.97 1.96
CA TYR A 273 -4.13 -11.30 2.81
C TYR A 273 -3.71 -12.38 3.79
N TYR A 274 -3.92 -12.13 5.04
CA TYR A 274 -3.56 -13.08 6.13
C TYR A 274 -4.54 -13.11 7.29
N TYR A 275 -4.48 -14.09 8.18
CA TYR A 275 -5.24 -14.09 9.41
C TYR A 275 -4.19 -13.81 10.49
N GLU A 276 -4.43 -12.70 11.16
CA GLU A 276 -3.54 -12.35 12.24
C GLU A 276 -3.97 -13.08 13.53
N ILE A 277 -2.93 -13.54 14.23
CA ILE A 277 -3.19 -14.35 15.41
C ILE A 277 -2.77 -13.46 16.56
N ASN A 278 -3.62 -13.46 17.58
CA ASN A 278 -3.20 -12.60 18.73
C ASN A 278 -2.17 -13.39 19.54
N ASN A 279 -0.90 -13.14 19.36
CA ASN A 279 0.25 -13.78 19.88
C ASN A 279 0.36 -13.71 21.40
N GLN A 280 -0.41 -12.88 22.08
CA GLN A 280 -0.18 -12.71 23.53
C GLN A 280 -1.32 -13.35 24.31
N LYS A 281 -2.31 -13.92 23.66
CA LYS A 281 -3.46 -14.52 24.19
C LYS A 281 -3.48 -16.04 24.14
N ALA A 282 -3.47 -16.62 25.37
CA ALA A 282 -3.49 -18.07 25.46
C ALA A 282 -4.81 -18.53 24.90
N PRO A 283 -4.79 -19.64 24.18
CA PRO A 283 -3.64 -20.48 24.01
C PRO A 283 -2.87 -20.23 22.70
N PHE A 284 -3.08 -19.09 22.07
CA PHE A 284 -2.36 -18.68 20.87
C PHE A 284 -0.94 -18.25 21.19
N ASN A 285 -0.64 -18.21 22.48
CA ASN A 285 0.75 -17.82 22.77
C ASN A 285 1.53 -19.10 22.62
N ASP A 286 0.93 -20.27 22.44
CA ASP A 286 1.80 -21.44 22.29
C ASP A 286 2.05 -21.59 20.79
N VAL A 287 3.31 -21.61 20.38
CA VAL A 287 3.71 -21.73 18.97
C VAL A 287 3.14 -22.99 18.31
N ARG A 288 2.99 -24.11 19.01
CA ARG A 288 2.35 -25.28 18.44
C ARG A 288 0.90 -25.01 17.99
N VAL A 289 0.10 -24.24 18.69
CA VAL A 289 -1.27 -23.98 18.22
C VAL A 289 -1.25 -23.05 17.02
N ARG A 290 -0.40 -21.99 17.14
CA ARG A 290 -0.32 -21.12 15.94
C ARG A 290 0.08 -21.88 14.69
N THR A 291 0.94 -22.89 14.82
CA THR A 291 1.47 -23.58 13.63
C THR A 291 0.37 -24.41 12.97
N ALA A 292 -0.37 -25.04 13.91
CA ALA A 292 -1.47 -25.90 13.56
C ALA A 292 -2.46 -25.18 12.67
N LEU A 293 -2.88 -24.00 13.04
CA LEU A 293 -3.76 -23.17 12.23
C LEU A 293 -3.05 -22.81 10.92
N LYS A 294 -1.78 -22.48 10.91
CA LYS A 294 -1.08 -22.17 9.66
C LYS A 294 -1.11 -23.34 8.67
N LEU A 295 -0.86 -24.54 9.19
CA LEU A 295 -0.68 -25.71 8.39
C LEU A 295 -2.01 -26.27 7.87
N ALA A 296 -3.02 -26.29 8.67
CA ALA A 296 -4.29 -26.89 8.20
C ALA A 296 -5.15 -26.04 7.28
N LEU A 297 -4.94 -24.72 7.18
CA LEU A 297 -5.72 -23.90 6.27
C LEU A 297 -5.37 -24.40 4.87
N ASP A 298 -6.24 -24.69 3.99
CA ASP A 298 -5.92 -25.19 2.64
C ASP A 298 -6.00 -23.99 1.64
N ARG A 299 -4.90 -23.31 1.32
CA ARG A 299 -4.92 -22.06 0.55
C ARG A 299 -5.45 -22.21 -0.87
N ASP A 300 -5.18 -23.36 -1.43
CA ASP A 300 -5.75 -23.79 -2.69
C ASP A 300 -7.23 -23.63 -2.94
N ILE A 301 -7.99 -24.10 -1.99
CA ILE A 301 -9.43 -23.99 -2.02
C ILE A 301 -9.83 -22.53 -1.99
N ILE A 302 -9.22 -21.80 -1.04
CA ILE A 302 -9.61 -20.43 -0.88
C ILE A 302 -9.44 -19.72 -2.21
N VAL A 303 -8.23 -19.89 -2.72
CA VAL A 303 -7.78 -19.02 -3.85
C VAL A 303 -8.35 -19.54 -5.13
N ASN A 304 -8.54 -20.87 -5.26
CA ASN A 304 -8.97 -21.44 -6.53
C ASN A 304 -10.43 -21.81 -6.60
N LYS A 305 -11.12 -21.88 -5.48
CA LYS A 305 -12.54 -22.28 -5.50
C LYS A 305 -13.36 -21.21 -4.80
N VAL A 306 -12.88 -20.55 -3.75
CA VAL A 306 -13.80 -19.57 -3.16
C VAL A 306 -13.67 -18.25 -3.91
N LYS A 307 -12.47 -17.81 -4.11
CA LYS A 307 -12.15 -16.51 -4.68
C LYS A 307 -12.09 -16.64 -6.20
N ASN A 308 -11.29 -17.58 -6.66
CA ASN A 308 -11.02 -17.79 -8.06
C ASN A 308 -10.71 -16.57 -8.91
N GLN A 309 -9.74 -15.75 -8.54
CA GLN A 309 -9.44 -14.53 -9.32
C GLN A 309 -7.99 -14.44 -9.74
N GLY A 310 -7.16 -15.41 -9.46
CA GLY A 310 -5.77 -15.40 -9.79
C GLY A 310 -4.91 -15.07 -8.59
N ASP A 311 -5.42 -14.86 -7.39
CA ASP A 311 -4.56 -14.61 -6.22
C ASP A 311 -3.56 -15.77 -6.03
N LEU A 312 -2.34 -15.56 -5.57
CA LEU A 312 -1.37 -16.58 -5.28
C LEU A 312 -1.30 -16.95 -3.79
N PRO A 313 -1.35 -18.26 -3.57
CA PRO A 313 -1.31 -18.84 -2.22
C PRO A 313 -0.07 -18.32 -1.57
N ALA A 314 -0.16 -17.85 -0.34
CA ALA A 314 1.07 -17.27 0.22
C ALA A 314 1.74 -18.19 1.24
N TYR A 315 3.03 -18.01 1.45
CA TYR A 315 3.71 -18.78 2.43
C TYR A 315 4.56 -17.81 3.25
N SER A 316 4.35 -16.53 3.08
CA SER A 316 5.15 -15.54 3.84
C SER A 316 4.27 -14.27 3.95
N TYR A 317 4.71 -13.24 4.59
CA TYR A 317 4.07 -11.98 4.79
C TYR A 317 4.44 -11.04 3.65
N THR A 318 5.73 -10.75 3.50
CA THR A 318 6.15 -9.96 2.33
C THR A 318 5.85 -10.73 1.05
N PRO A 319 5.29 -10.13 0.03
CA PRO A 319 5.07 -10.83 -1.22
C PRO A 319 6.44 -11.02 -1.90
N PRO A 320 6.64 -12.20 -2.48
CA PRO A 320 7.89 -12.60 -3.12
C PRO A 320 8.26 -11.75 -4.33
N TYR A 321 7.35 -11.02 -4.97
CA TYR A 321 7.73 -10.14 -6.05
C TYR A 321 8.02 -8.74 -5.56
N THR A 322 8.05 -8.56 -4.24
CA THR A 322 8.47 -7.27 -3.73
C THR A 322 9.91 -7.07 -4.28
N ASP A 323 10.23 -5.86 -4.68
CA ASP A 323 11.56 -5.51 -5.11
C ASP A 323 12.49 -5.61 -3.94
N GLY A 324 13.58 -6.38 -4.06
CA GLY A 324 14.54 -6.60 -2.97
C GLY A 324 14.23 -7.77 -2.05
N ALA A 325 13.24 -8.59 -2.35
CA ALA A 325 12.91 -9.79 -1.58
C ALA A 325 13.61 -10.97 -2.29
N LYS A 326 14.20 -11.93 -1.71
CA LYS A 326 14.64 -13.20 -2.23
C LYS A 326 14.24 -14.22 -1.16
N LEU A 327 13.02 -14.64 -1.15
CA LEU A 327 12.42 -15.46 -0.09
C LEU A 327 12.70 -16.94 -0.32
N VAL A 328 12.67 -17.80 0.70
CA VAL A 328 12.60 -19.21 0.40
C VAL A 328 11.30 -19.80 0.81
N GLU A 329 10.70 -20.64 -0.01
CA GLU A 329 9.52 -21.37 0.31
C GLU A 329 9.88 -22.36 1.44
N PRO A 330 9.21 -22.31 2.53
CA PRO A 330 9.45 -23.25 3.61
C PRO A 330 8.98 -24.63 3.20
N GLU A 331 9.59 -25.60 3.85
CA GLU A 331 9.30 -27.03 3.63
C GLU A 331 7.86 -27.42 3.78
N TRP A 332 7.14 -26.86 4.76
CA TRP A 332 5.77 -27.17 5.05
C TRP A 332 4.87 -26.86 3.89
N PHE A 333 5.22 -25.87 3.07
CA PHE A 333 4.41 -25.43 1.95
C PHE A 333 4.41 -26.44 0.82
N LYS A 334 5.47 -27.22 0.73
CA LYS A 334 5.47 -28.28 -0.28
C LYS A 334 4.69 -29.48 0.20
N TRP A 335 4.49 -29.72 1.50
CA TRP A 335 3.82 -30.97 1.85
C TRP A 335 2.41 -31.11 1.28
N SER A 336 1.83 -32.32 1.30
CA SER A 336 0.45 -32.38 0.85
C SER A 336 -0.43 -31.88 1.99
N GLN A 337 -1.68 -31.52 1.70
CA GLN A 337 -2.65 -31.09 2.65
C GLN A 337 -2.82 -32.09 3.80
N GLN A 338 -2.89 -33.37 3.50
CA GLN A 338 -3.06 -34.47 4.40
C GLN A 338 -1.93 -34.53 5.43
N LYS A 339 -0.70 -34.43 4.94
CA LYS A 339 0.45 -34.43 5.83
C LYS A 339 0.40 -33.18 6.72
N ARG A 340 0.02 -32.04 6.11
CA ARG A 340 -0.13 -30.84 6.88
C ARG A 340 -1.21 -31.07 7.96
N ASN A 341 -2.34 -31.70 7.58
CA ASN A 341 -3.42 -31.86 8.55
C ASN A 341 -3.07 -32.83 9.68
N GLU A 342 -2.35 -33.87 9.27
CA GLU A 342 -1.95 -34.85 10.29
C GLU A 342 -0.98 -34.19 11.27
N GLU A 343 -0.03 -33.39 10.79
CA GLU A 343 0.89 -32.73 11.70
C GLU A 343 0.23 -31.66 12.58
N ALA A 344 -0.72 -30.93 11.96
CA ALA A 344 -1.40 -29.88 12.73
C ALA A 344 -2.17 -30.55 13.86
N LYS A 345 -2.87 -31.65 13.55
CA LYS A 345 -3.62 -32.34 14.64
C LYS A 345 -2.79 -32.90 15.78
N LYS A 346 -1.57 -33.34 15.46
CA LYS A 346 -0.64 -33.83 16.48
C LYS A 346 -0.13 -32.68 17.33
N LEU A 347 0.16 -31.51 16.67
CA LEU A 347 0.56 -30.35 17.41
C LEU A 347 -0.51 -29.86 18.39
N LEU A 348 -1.77 -29.85 17.93
CA LEU A 348 -2.86 -29.48 18.84
C LEU A 348 -2.94 -30.47 20.02
N ALA A 349 -2.96 -31.78 19.74
CA ALA A 349 -3.04 -32.81 20.80
C ALA A 349 -1.93 -32.61 21.81
N GLU A 350 -0.70 -32.31 21.40
CA GLU A 350 0.35 -32.03 22.38
C GLU A 350 -0.05 -30.89 23.34
N ALA A 351 -0.70 -29.87 22.76
CA ALA A 351 -1.04 -28.73 23.62
C ALA A 351 -2.36 -28.97 24.39
N GLY A 352 -3.00 -30.13 24.34
CA GLY A 352 -4.13 -30.51 25.12
C GLY A 352 -5.49 -30.34 24.45
N PHE A 353 -5.60 -30.42 23.14
CA PHE A 353 -6.81 -30.15 22.42
C PHE A 353 -6.95 -31.25 21.37
N THR A 354 -8.08 -31.92 21.54
CA THR A 354 -8.43 -33.03 20.66
C THR A 354 -9.84 -32.98 20.13
N ALA A 355 -10.28 -34.01 19.41
CA ALA A 355 -11.64 -34.07 18.89
C ALA A 355 -12.65 -33.99 20.03
N ASP A 356 -12.35 -34.66 21.12
CA ASP A 356 -13.13 -34.68 22.32
C ASP A 356 -12.97 -33.44 23.17
N LYS A 357 -11.93 -32.62 23.05
CA LYS A 357 -11.85 -31.36 23.82
C LYS A 357 -11.14 -30.35 22.91
N PRO A 358 -11.93 -29.88 21.93
CA PRO A 358 -11.49 -28.99 20.88
C PRO A 358 -11.10 -27.58 21.24
N LEU A 359 -10.13 -27.07 20.50
CA LEU A 359 -9.80 -25.67 20.42
C LEU A 359 -11.08 -24.98 19.90
N THR A 360 -11.43 -23.92 20.56
CA THR A 360 -12.57 -23.16 20.08
C THR A 360 -12.16 -21.70 20.29
N PHE A 361 -12.42 -20.89 19.27
CA PHE A 361 -11.93 -19.49 19.33
C PHE A 361 -12.78 -18.67 18.38
N ASP A 362 -12.64 -17.35 18.51
CA ASP A 362 -13.38 -16.48 17.59
C ASP A 362 -12.48 -15.90 16.49
N LEU A 363 -13.04 -15.74 15.34
CA LEU A 363 -12.58 -15.29 14.09
C LEU A 363 -13.24 -13.95 13.81
N LEU A 364 -12.52 -12.89 14.16
CA LEU A 364 -13.02 -11.56 13.91
C LEU A 364 -12.75 -11.07 12.48
N TYR A 365 -13.70 -10.51 11.72
CA TYR A 365 -13.48 -9.84 10.46
C TYR A 365 -14.25 -8.52 10.32
N ASN A 366 -13.79 -7.54 9.55
CA ASN A 366 -14.57 -6.31 9.40
C ASN A 366 -15.71 -6.55 8.40
N THR A 367 -16.90 -6.10 8.79
CA THR A 367 -18.12 -6.27 8.02
C THR A 367 -17.96 -6.05 6.53
N SER A 368 -18.31 -7.00 5.69
CA SER A 368 -18.09 -6.92 4.24
C SER A 368 -18.33 -8.30 3.63
N ASP A 369 -18.69 -8.40 2.37
CA ASP A 369 -19.03 -9.63 1.70
C ASP A 369 -17.82 -10.51 1.38
N LEU A 370 -16.78 -9.87 0.86
CA LEU A 370 -15.55 -10.59 0.60
C LEU A 370 -15.08 -11.28 1.87
N HIS A 371 -14.85 -10.54 2.98
CA HIS A 371 -14.26 -11.12 4.16
C HIS A 371 -15.14 -12.15 4.82
N LYS A 372 -16.43 -12.02 4.71
CA LYS A 372 -17.39 -12.93 5.32
C LYS A 372 -17.38 -14.20 4.50
N LYS A 373 -17.29 -14.04 3.21
CA LYS A 373 -17.28 -15.31 2.41
C LYS A 373 -15.95 -16.04 2.68
N LEU A 374 -14.84 -15.31 2.94
CA LEU A 374 -13.58 -15.92 3.24
C LEU A 374 -13.60 -16.57 4.62
N ALA A 375 -14.23 -15.88 5.54
CA ALA A 375 -14.23 -16.26 6.95
C ALA A 375 -15.04 -17.55 7.09
N ILE A 376 -16.15 -17.61 6.37
CA ILE A 376 -16.99 -18.79 6.33
C ILE A 376 -16.15 -19.90 5.74
N ALA A 377 -15.52 -19.76 4.58
CA ALA A 377 -14.86 -20.89 3.96
C ALA A 377 -13.71 -21.31 4.91
N VAL A 378 -13.09 -20.32 5.54
CA VAL A 378 -11.99 -20.70 6.43
C VAL A 378 -12.48 -21.40 7.68
N ALA A 379 -13.58 -20.89 8.31
CA ALA A 379 -14.03 -21.50 9.52
C ALA A 379 -14.32 -22.99 9.22
N SER A 380 -14.98 -23.18 8.09
CA SER A 380 -15.29 -24.55 7.66
C SER A 380 -14.09 -25.39 7.31
N ILE A 381 -13.04 -24.87 6.64
CA ILE A 381 -11.84 -25.67 6.37
C ILE A 381 -11.13 -26.07 7.67
N TRP A 382 -10.99 -25.20 8.63
CA TRP A 382 -10.46 -25.48 9.92
C TRP A 382 -11.25 -26.49 10.75
N LYS A 383 -12.57 -26.36 10.80
CA LYS A 383 -13.44 -27.37 11.44
C LYS A 383 -13.21 -28.77 10.91
N LYS A 384 -13.27 -28.95 9.59
CA LYS A 384 -12.97 -30.25 8.98
C LYS A 384 -11.54 -30.74 9.05
N ASN A 385 -10.47 -30.00 8.78
CA ASN A 385 -9.09 -30.49 8.76
C ASN A 385 -8.50 -30.66 10.15
N LEU A 386 -8.98 -29.98 11.16
CA LEU A 386 -8.39 -29.87 12.45
C LEU A 386 -9.30 -30.13 13.61
N GLY A 387 -10.61 -30.23 13.38
CA GLY A 387 -11.57 -30.44 14.42
C GLY A 387 -11.62 -29.27 15.38
N VAL A 388 -11.39 -28.01 15.00
CA VAL A 388 -11.63 -26.93 15.94
C VAL A 388 -13.02 -26.36 15.76
N ASN A 389 -13.45 -25.57 16.73
CA ASN A 389 -14.69 -24.84 16.67
C ASN A 389 -14.38 -23.34 16.59
N VAL A 390 -14.80 -22.83 15.43
CA VAL A 390 -14.60 -21.43 15.11
C VAL A 390 -15.89 -20.61 15.12
N ASN A 391 -16.02 -19.55 15.88
CA ASN A 391 -17.17 -18.70 15.85
C ASN A 391 -16.86 -17.41 15.06
N LEU A 392 -17.64 -17.05 14.08
CA LEU A 392 -17.50 -15.86 13.29
C LEU A 392 -18.04 -14.65 14.02
N GLU A 393 -17.36 -13.55 14.17
CA GLU A 393 -17.82 -12.30 14.69
C GLU A 393 -17.41 -11.17 13.73
N ASN A 394 -18.32 -10.30 13.34
CA ASN A 394 -17.97 -9.17 12.50
C ASN A 394 -18.10 -7.85 13.25
N GLN A 395 -17.15 -6.94 13.05
CA GLN A 395 -17.27 -5.60 13.59
C GLN A 395 -17.10 -4.65 12.39
N GLU A 396 -17.51 -3.41 12.67
CA GLU A 396 -17.40 -2.32 11.71
C GLU A 396 -15.94 -1.87 11.80
N TRP A 397 -15.50 -1.38 10.67
CA TRP A 397 -14.11 -1.05 10.46
C TRP A 397 -13.43 -0.36 11.63
N LYS A 398 -14.00 0.68 12.24
CA LYS A 398 -13.28 1.36 13.30
C LYS A 398 -13.28 0.52 14.58
N THR A 399 -14.41 -0.16 14.85
CA THR A 399 -14.35 -0.99 16.05
C THR A 399 -13.36 -2.12 15.88
N PHE A 400 -13.42 -2.73 14.69
CA PHE A 400 -12.48 -3.79 14.30
C PHE A 400 -11.03 -3.41 14.54
N LEU A 401 -10.64 -2.22 14.06
CA LEU A 401 -9.23 -1.84 14.23
C LEU A 401 -8.80 -1.66 15.66
N ASP A 402 -9.69 -0.96 16.33
CA ASP A 402 -9.51 -0.70 17.75
C ASP A 402 -9.47 -1.99 18.52
N THR A 403 -10.31 -2.99 18.18
CA THR A 403 -10.23 -4.28 18.88
C THR A 403 -8.87 -4.95 18.64
N ARG A 404 -8.35 -4.85 17.41
CA ARG A 404 -7.05 -5.48 17.11
C ARG A 404 -5.94 -4.80 17.87
N HIS A 405 -6.00 -3.49 18.04
CA HIS A 405 -4.92 -2.77 18.75
C HIS A 405 -4.95 -3.06 20.23
N GLN A 406 -6.20 -3.12 20.71
CA GLN A 406 -6.43 -3.42 22.11
C GLN A 406 -5.96 -4.82 22.45
N GLY A 407 -6.02 -5.76 21.50
CA GLY A 407 -5.59 -7.13 21.79
C GLY A 407 -6.71 -7.97 22.39
N THR A 408 -7.96 -7.59 22.10
CA THR A 408 -9.05 -8.41 22.65
C THR A 408 -9.63 -9.27 21.53
N PHE A 409 -8.85 -10.16 20.91
CA PHE A 409 -9.36 -10.99 19.86
C PHE A 409 -8.48 -12.23 19.91
N ASP A 410 -8.89 -13.25 19.21
CA ASP A 410 -8.19 -14.49 19.15
C ASP A 410 -7.37 -14.39 17.84
N VAL A 411 -8.17 -14.54 16.78
CA VAL A 411 -7.76 -14.55 15.42
C VAL A 411 -8.52 -13.50 14.65
N ALA A 412 -7.75 -12.71 13.87
CA ALA A 412 -8.42 -11.72 13.02
C ALA A 412 -8.02 -11.74 11.54
N ARG A 413 -9.01 -11.33 10.74
CA ARG A 413 -8.82 -11.13 9.31
C ARG A 413 -7.96 -9.87 9.15
N ALA A 414 -7.07 -9.93 8.19
CA ALA A 414 -6.15 -8.76 8.05
C ALA A 414 -5.60 -8.67 6.66
N GLY A 415 -5.10 -7.52 6.28
CA GLY A 415 -4.50 -7.24 4.98
C GLY A 415 -3.42 -6.17 5.25
N TRP A 416 -2.33 -6.17 4.50
CA TRP A 416 -1.36 -5.11 4.59
C TRP A 416 -0.92 -4.90 3.13
N CYS A 417 -0.78 -3.70 2.67
CA CYS A 417 -0.30 -3.32 1.36
C CYS A 417 0.93 -2.41 1.45
N ALA A 418 2.01 -2.60 0.70
CA ALA A 418 3.18 -1.79 0.85
C ALA A 418 2.94 -0.31 0.49
N ASP A 419 3.58 0.66 1.13
CA ASP A 419 3.50 2.05 0.73
C ASP A 419 4.62 2.34 -0.28
N TYR A 420 5.63 1.46 -0.25
CA TYR A 420 6.77 1.66 -1.09
C TYR A 420 7.33 0.27 -1.46
N ASN A 421 8.21 0.17 -2.43
CA ASN A 421 8.43 -1.22 -2.94
C ASN A 421 9.74 -1.74 -2.37
N GLU A 422 9.75 -2.22 -1.12
CA GLU A 422 10.97 -2.60 -0.44
C GLU A 422 10.48 -3.35 0.83
N PRO A 423 11.03 -4.47 1.21
CA PRO A 423 10.44 -5.39 2.16
C PRO A 423 10.16 -4.75 3.50
N THR A 424 10.85 -3.68 3.92
CA THR A 424 10.61 -3.14 5.25
C THR A 424 9.23 -2.44 5.30
N SER A 425 8.59 -2.22 4.14
CA SER A 425 7.26 -1.76 4.11
C SER A 425 6.37 -2.76 4.89
N PHE A 426 6.54 -4.05 4.60
CA PHE A 426 5.85 -5.08 5.33
C PHE A 426 6.50 -5.31 6.69
N LEU A 427 7.80 -5.63 6.72
CA LEU A 427 8.49 -6.08 7.91
C LEU A 427 8.55 -5.17 9.08
N ASN A 428 8.43 -3.86 8.95
CA ASN A 428 8.47 -2.88 10.01
C ASN A 428 7.23 -3.03 10.89
N THR A 429 6.14 -3.53 10.32
CA THR A 429 4.92 -3.73 11.07
C THR A 429 5.08 -4.85 12.06
N MET A 430 6.03 -5.74 12.01
CA MET A 430 6.16 -6.79 13.05
C MET A 430 7.28 -6.46 14.01
N LEU A 431 7.90 -5.25 13.89
CA LEU A 431 8.95 -4.93 14.89
C LEU A 431 8.26 -4.85 16.24
N SER A 432 8.87 -5.28 17.34
CA SER A 432 8.11 -5.42 18.56
C SER A 432 7.63 -4.09 19.08
N ASP A 433 8.17 -2.94 18.79
CA ASP A 433 7.57 -1.70 19.29
C ASP A 433 6.82 -1.00 18.19
N SER A 434 6.50 -1.69 17.10
CA SER A 434 5.89 -0.97 16.00
C SER A 434 4.51 -0.55 16.52
N SER A 435 3.98 0.37 15.73
CA SER A 435 2.65 0.90 15.92
C SER A 435 1.66 0.10 15.11
N ASN A 436 2.16 -0.61 14.09
CA ASN A 436 1.23 -1.39 13.31
C ASN A 436 1.26 -2.84 13.80
N ASN A 437 1.93 -3.19 14.92
CA ASN A 437 1.95 -4.58 15.31
C ASN A 437 0.71 -4.97 16.09
N THR A 438 -0.34 -5.37 15.40
CA THR A 438 -1.59 -5.81 15.98
C THR A 438 -1.60 -7.33 16.06
N ALA A 439 -0.54 -8.04 15.63
CA ALA A 439 -0.36 -9.43 15.99
C ALA A 439 0.19 -9.55 17.43
N HIS A 440 0.78 -8.49 17.97
CA HIS A 440 1.34 -8.50 19.32
C HIS A 440 2.45 -9.49 19.39
N TYR A 441 3.19 -9.52 18.31
CA TYR A 441 4.36 -10.30 18.06
C TYR A 441 5.56 -9.59 18.63
N LYS A 442 6.16 -10.22 19.60
CA LYS A 442 7.32 -9.57 20.27
C LYS A 442 8.48 -10.54 20.11
N SER A 443 9.43 -10.22 19.27
CA SER A 443 10.52 -11.09 18.99
C SER A 443 11.84 -10.37 18.74
N PRO A 444 12.73 -10.50 19.69
CA PRO A 444 14.04 -9.86 19.70
C PRO A 444 14.97 -10.39 18.64
N ALA A 445 14.82 -11.67 18.34
CA ALA A 445 15.55 -12.17 17.16
C ALA A 445 15.10 -11.49 15.85
N PHE A 446 13.82 -11.24 15.63
CA PHE A 446 13.25 -10.61 14.49
C PHE A 446 13.70 -9.15 14.55
N ASP A 447 13.53 -8.49 15.68
CA ASP A 447 13.93 -7.06 15.68
C ASP A 447 15.40 -6.88 15.34
N LYS A 448 16.28 -7.72 15.82
CA LYS A 448 17.70 -7.63 15.51
C LYS A 448 18.03 -7.87 14.03
N LEU A 449 17.41 -8.82 13.34
CA LEU A 449 17.66 -8.98 11.92
C LEU A 449 17.26 -7.70 11.18
N ILE A 450 16.24 -7.00 11.66
CA ILE A 450 15.72 -5.91 10.82
C ILE A 450 16.68 -4.75 11.03
N ALA A 451 17.13 -4.66 12.29
CA ALA A 451 18.04 -3.57 12.61
C ALA A 451 19.31 -3.82 11.79
N ASP A 452 19.76 -5.09 11.64
CA ASP A 452 20.95 -5.32 10.83
C ASP A 452 20.82 -4.93 9.39
N THR A 453 19.60 -4.83 8.81
CA THR A 453 19.50 -4.42 7.42
C THR A 453 19.95 -2.98 7.23
N LEU A 454 19.91 -2.16 8.26
CA LEU A 454 20.33 -0.78 8.12
C LEU A 454 21.84 -0.72 7.96
N LYS A 455 22.60 -1.64 8.53
CA LYS A 455 24.04 -1.62 8.51
C LYS A 455 24.57 -2.36 7.31
N VAL A 456 23.76 -3.02 6.49
CA VAL A 456 24.38 -3.72 5.35
C VAL A 456 24.26 -2.83 4.12
N ALA A 457 25.39 -2.65 3.41
CA ALA A 457 25.38 -1.83 2.20
C ALA A 457 24.99 -2.53 0.91
N ASP A 458 25.28 -3.80 0.73
CA ASP A 458 24.93 -4.54 -0.46
C ASP A 458 23.44 -4.87 -0.49
N ASP A 459 22.73 -4.60 -1.56
CA ASP A 459 21.37 -5.02 -1.69
C ASP A 459 21.13 -6.53 -1.60
N THR A 460 22.10 -7.38 -1.98
CA THR A 460 21.77 -8.80 -2.04
C THR A 460 21.95 -9.38 -0.65
N GLN A 461 22.82 -8.85 0.13
CA GLN A 461 23.08 -9.20 1.50
C GLN A 461 21.95 -8.62 2.38
N ARG A 462 21.42 -7.45 1.99
CA ARG A 462 20.25 -6.91 2.62
C ARG A 462 19.06 -7.85 2.33
N SER A 463 19.04 -8.30 1.09
CA SER A 463 17.85 -9.16 0.77
C SER A 463 17.97 -10.53 1.39
N GLU A 464 19.19 -10.92 1.79
CA GLU A 464 19.38 -12.17 2.55
C GLU A 464 18.88 -11.98 3.98
N LEU A 465 19.16 -10.85 4.67
CA LEU A 465 18.58 -10.72 5.98
C LEU A 465 17.05 -10.61 5.95
N TYR A 466 16.45 -10.09 4.86
CA TYR A 466 14.99 -9.99 4.83
C TYR A 466 14.38 -11.39 4.79
N ALA A 467 14.97 -12.30 4.06
CA ALA A 467 14.64 -13.70 3.91
C ALA A 467 14.69 -14.40 5.24
N LYS A 468 15.71 -14.06 6.01
CA LYS A 468 15.82 -14.64 7.35
C LYS A 468 14.75 -14.04 8.26
N ALA A 469 14.47 -12.72 8.16
CA ALA A 469 13.39 -12.21 8.94
C ALA A 469 12.07 -12.93 8.59
N GLU A 470 11.79 -13.23 7.33
CA GLU A 470 10.59 -13.92 6.93
C GLU A 470 10.63 -15.35 7.47
N GLN A 471 11.83 -15.96 7.42
CA GLN A 471 11.87 -17.32 7.99
C GLN A 471 11.69 -17.32 9.51
N GLN A 472 12.24 -16.29 10.17
CA GLN A 472 11.88 -16.18 11.58
C GLN A 472 10.38 -15.98 11.75
N LEU A 473 9.60 -15.20 10.99
CA LEU A 473 8.21 -15.00 11.31
C LEU A 473 7.47 -16.36 11.13
N ASP A 474 7.86 -17.11 10.11
CA ASP A 474 7.33 -18.35 9.72
C ASP A 474 7.54 -19.43 10.78
N LYS A 475 8.70 -19.47 11.37
CA LYS A 475 9.04 -20.35 12.42
C LYS A 475 8.21 -20.03 13.67
N ASP A 476 8.00 -18.74 13.98
CA ASP A 476 7.16 -18.38 15.08
C ASP A 476 5.70 -18.55 14.73
N SER A 477 5.37 -18.80 13.47
CA SER A 477 4.01 -18.85 13.01
C SER A 477 3.26 -17.65 13.58
N ALA A 478 3.81 -16.45 13.42
CA ALA A 478 3.14 -15.28 14.01
C ALA A 478 1.77 -15.03 13.37
N ILE A 479 1.70 -15.23 12.06
CA ILE A 479 0.44 -15.09 11.36
C ILE A 479 0.11 -16.30 10.51
N VAL A 480 -1.11 -16.35 9.96
CA VAL A 480 -1.39 -17.30 8.94
C VAL A 480 -1.49 -16.54 7.60
N PRO A 481 -0.59 -16.78 6.65
CA PRO A 481 -0.68 -16.11 5.36
C PRO A 481 -1.70 -16.84 4.54
N VAL A 482 -2.44 -16.15 3.69
CA VAL A 482 -3.38 -16.85 2.83
C VAL A 482 -3.03 -16.68 1.37
N TYR A 483 -3.06 -15.40 0.93
CA TYR A 483 -2.64 -15.14 -0.42
C TYR A 483 -1.99 -13.76 -0.59
N TYR A 484 -1.37 -13.65 -1.76
CA TYR A 484 -0.82 -12.41 -2.29
C TYR A 484 -1.90 -11.90 -3.26
N TYR A 485 -2.31 -10.64 -3.05
CA TYR A 485 -3.32 -10.16 -3.95
C TYR A 485 -2.89 -9.97 -5.41
N VAL A 486 -3.90 -10.11 -6.24
CA VAL A 486 -3.72 -9.70 -7.62
C VAL A 486 -4.52 -8.36 -7.73
N ASN A 487 -4.08 -7.43 -8.51
CA ASN A 487 -4.75 -6.18 -8.80
C ASN A 487 -5.60 -6.43 -10.05
N ALA A 488 -6.90 -6.59 -9.81
CA ALA A 488 -7.82 -6.87 -10.89
C ALA A 488 -8.76 -5.70 -11.18
N ARG A 489 -8.83 -5.24 -12.43
CA ARG A 489 -9.83 -4.20 -12.73
C ARG A 489 -10.19 -4.32 -14.21
N LEU A 490 -11.31 -3.65 -14.52
CA LEU A 490 -11.76 -3.58 -15.89
C LEU A 490 -11.13 -2.33 -16.50
N VAL A 491 -10.39 -2.54 -17.62
CA VAL A 491 -9.90 -1.35 -18.33
C VAL A 491 -10.36 -1.32 -19.79
N LYS A 492 -11.08 -0.29 -20.25
CA LYS A 492 -11.46 -0.21 -21.64
C LYS A 492 -10.25 -0.44 -22.54
N PRO A 493 -10.42 -1.19 -23.63
CA PRO A 493 -9.41 -1.46 -24.61
C PRO A 493 -8.90 -0.17 -25.27
N TRP A 494 -9.48 1.02 -25.16
CA TRP A 494 -8.91 2.19 -25.81
C TRP A 494 -8.10 2.97 -24.77
N VAL A 495 -7.96 2.44 -23.55
CA VAL A 495 -7.13 3.08 -22.57
C VAL A 495 -5.74 2.53 -22.84
N GLY A 496 -4.95 3.36 -23.49
CA GLY A 496 -3.55 2.98 -23.74
C GLY A 496 -2.74 3.46 -22.56
N GLY A 497 -1.58 2.81 -22.57
CA GLY A 497 -0.55 3.02 -21.58
C GLY A 497 -0.70 2.23 -20.28
N TYR A 498 -1.65 1.35 -20.11
CA TYR A 498 -1.83 0.58 -18.91
C TYR A 498 -1.04 -0.73 -19.00
N THR A 499 0.07 -0.85 -18.31
CA THR A 499 0.84 -2.12 -18.41
C THR A 499 0.58 -3.18 -17.35
N GLY A 500 0.08 -2.81 -16.19
CA GLY A 500 -0.22 -3.69 -15.07
C GLY A 500 1.10 -4.10 -14.43
N LYS A 501 2.27 -3.53 -14.74
CA LYS A 501 3.57 -3.95 -14.29
C LYS A 501 3.97 -3.32 -12.95
N ASP A 502 3.28 -2.32 -12.43
CA ASP A 502 3.76 -1.73 -11.14
C ASP A 502 2.98 -2.36 -10.01
N PRO A 503 3.65 -3.14 -9.17
CA PRO A 503 2.96 -3.93 -8.16
C PRO A 503 2.47 -3.06 -7.02
N LEU A 504 2.88 -1.76 -6.98
CA LEU A 504 2.18 -0.85 -6.07
C LEU A 504 0.92 -0.36 -6.70
N ASP A 505 0.69 -0.54 -8.01
CA ASP A 505 -0.47 0.17 -8.59
C ASP A 505 -0.37 1.69 -8.44
N ASN A 506 0.80 2.30 -8.52
CA ASN A 506 0.88 3.77 -8.58
C ASN A 506 0.74 4.31 -10.02
N ILE A 507 -0.49 4.30 -10.48
CA ILE A 507 -0.91 4.85 -11.77
C ILE A 507 -0.86 6.38 -11.78
N TYR A 508 -0.23 6.95 -12.77
CA TYR A 508 -0.21 8.37 -13.03
C TYR A 508 -1.00 8.58 -14.33
N VAL A 509 -2.08 9.33 -14.32
CA VAL A 509 -2.86 9.66 -15.50
C VAL A 509 -2.02 10.35 -16.54
N LYS A 510 -0.94 11.07 -16.23
CA LYS A 510 -0.10 11.62 -17.23
C LYS A 510 0.49 10.55 -18.17
N ASN A 511 0.51 9.30 -17.78
CA ASN A 511 1.11 8.25 -18.60
C ASN A 511 0.06 7.52 -19.43
N LEU A 512 -1.23 7.79 -19.30
CA LEU A 512 -2.20 7.08 -20.14
C LEU A 512 -2.50 7.92 -21.39
N TYR A 513 -3.33 7.46 -22.29
CA TYR A 513 -3.74 8.15 -23.53
C TYR A 513 -4.97 7.41 -24.07
N ILE A 514 -5.89 8.10 -24.71
CA ILE A 514 -7.08 7.42 -25.26
C ILE A 514 -6.94 7.12 -26.75
N ILE A 515 -7.00 5.86 -27.08
CA ILE A 515 -6.87 5.35 -28.45
C ILE A 515 -8.12 5.62 -29.25
N LYS A 516 -7.97 6.11 -30.49
CA LYS A 516 -9.20 6.36 -31.24
C LYS A 516 -10.02 5.07 -31.35
N HIS A 517 -11.31 5.26 -31.16
CA HIS A 517 -12.23 4.15 -31.11
C HIS A 517 -13.62 4.58 -31.61
#